data_4LCN
#
_entry.id   4LCN
#
_cell.length_a   38.020
_cell.length_b   73.310
_cell.length_c   109.590
_cell.angle_alpha   90.00
_cell.angle_beta   90.00
_cell.angle_gamma   90.00
#
_symmetry.space_group_name_H-M   'P 21 21 21'
#
loop_
_entity.id
_entity.type
_entity.pdbx_description
1 polymer 'Cytidine and deoxycytidylate deaminase zinc-binding region'
2 non-polymer 'ZINC ION'
3 non-polymer "2'-DEOXY-GUANOSINE"
4 non-polymer 1,2-ETHANEDIOL
5 water water
#
_entity_poly.entity_id   1
_entity_poly.type   'polypeptide(L)'
_entity_poly.pdbx_seq_one_letter_code
;GHMNDALHIGLPPFLVQANNEPRVLAAPEARMGYVLELVRANIAADGGPFAAAVFERDSGLLIAAGTNRVVPGRCSAAHA
EILALSLAQAKLDTHDLSADGLPACELVTSAEPCVMCFGAVIWSGVRSLVCAARSDDVEAIGFDEGPRPENWMGGLEARG
ITVTTGLLRDAACALLREYNACNGVIYNARCGVHKGS
;
_entity_poly.pdbx_strand_id   A,B
#
loop_
_chem_comp.id
_chem_comp.type
_chem_comp.name
_chem_comp.formula
EDO non-polymer 1,2-ETHANEDIOL 'C2 H6 O2'
GNG non-polymer 2'-DEOXY-GUANOSINE 'C10 H13 N5 O4'
ZN non-polymer 'ZINC ION' 'Zn 2'
#
# COMPACT_ATOMS: atom_id res chain seq x y z
N MET A 3 0.51 16.87 3.40
CA MET A 3 -0.64 17.08 4.35
C MET A 3 -0.71 16.09 5.55
N ASN A 4 -1.00 16.66 6.73
CA ASN A 4 -1.46 15.91 7.91
C ASN A 4 -2.98 15.85 7.87
N ASP A 5 -3.52 16.55 6.86
CA ASP A 5 -4.92 16.69 6.56
C ASP A 5 -5.38 15.71 5.48
N ALA A 6 -4.45 14.95 4.89
CA ALA A 6 -4.73 14.05 3.72
C ALA A 6 -3.56 13.13 3.50
N LEU A 7 -3.76 12.04 2.79
CA LEU A 7 -2.62 11.22 2.33
C LEU A 7 -2.26 11.88 0.99
N HIS A 8 -1.03 12.38 0.86
CA HIS A 8 -0.60 13.21 -0.28
C HIS A 8 0.79 12.80 -0.64
N ILE A 9 0.95 12.17 -1.78
CA ILE A 9 2.29 11.80 -2.25
C ILE A 9 2.45 12.52 -3.56
N GLY A 10 3.35 13.49 -3.59
CA GLY A 10 3.46 14.33 -4.81
C GLY A 10 4.17 13.51 -5.87
N LEU A 11 3.91 13.84 -7.13
CA LEU A 11 4.53 13.11 -8.20
C LEU A 11 5.61 14.01 -8.74
N PRO A 12 6.82 13.47 -8.94
CA PRO A 12 7.86 14.24 -9.71
C PRO A 12 7.39 14.60 -11.15
N PRO A 13 8.02 15.63 -11.73
CA PRO A 13 7.53 16.09 -13.00
C PRO A 13 7.52 15.02 -14.08
N PHE A 14 8.52 14.13 -14.15
CA PHE A 14 8.52 13.17 -15.23
C PHE A 14 7.35 12.22 -15.09
N LEU A 15 6.90 11.99 -13.85
CA LEU A 15 5.72 11.13 -13.61
C LEU A 15 4.42 11.88 -13.92
N VAL A 16 4.34 13.20 -13.64
CA VAL A 16 3.18 13.98 -14.10
C VAL A 16 3.08 13.94 -15.63
N GLN A 17 4.20 14.13 -16.28
CA GLN A 17 4.26 14.03 -17.76
C GLN A 17 3.70 12.70 -18.28
N ALA A 18 4.17 11.59 -17.69
CA ALA A 18 3.76 10.23 -18.04
C ALA A 18 2.26 10.08 -17.87
N ASN A 19 1.72 10.65 -16.81
CA ASN A 19 0.29 10.60 -16.62
C ASN A 19 -0.52 11.60 -17.48
N ASN A 20 0.11 12.64 -18.02
CA ASN A 20 -0.64 13.65 -18.79
C ASN A 20 -0.75 13.29 -20.24
N GLU A 21 0.22 12.59 -20.77
CA GLU A 21 0.35 12.57 -22.23
C GLU A 21 -0.35 11.29 -22.70
N PRO A 22 -1.40 11.42 -23.56
CA PRO A 22 -1.99 10.17 -24.12
C PRO A 22 -0.90 9.27 -24.79
N ARG A 23 -0.98 7.95 -24.56
CA ARG A 23 0.05 6.99 -24.98
C ARG A 23 -0.61 5.64 -25.15
N VAL A 24 -0.37 5.03 -26.30
CA VAL A 24 -0.96 3.71 -26.59
C VAL A 24 0.19 2.78 -26.91
N LEU A 25 0.33 1.67 -26.19
CA LEU A 25 1.37 0.70 -26.45
C LEU A 25 0.81 -0.73 -26.54
N ALA A 26 0.74 -1.26 -27.77
CA ALA A 26 -0.02 -2.49 -27.97
C ALA A 26 0.74 -3.73 -27.42
N ALA A 27 1.98 -3.89 -27.84
CA ALA A 27 2.81 -5.10 -27.50
C ALA A 27 3.22 -5.13 -26.06
N PRO A 28 3.26 -6.34 -25.44
CA PRO A 28 3.76 -6.40 -24.04
C PRO A 28 5.14 -5.75 -23.89
N GLU A 29 6.03 -6.03 -24.83
CA GLU A 29 7.35 -5.45 -24.80
C GLU A 29 7.36 -3.91 -24.86
N ALA A 30 6.44 -3.35 -25.64
CA ALA A 30 6.34 -1.90 -25.75
C ALA A 30 5.92 -1.32 -24.40
N ARG A 31 4.88 -1.92 -23.80
CA ARG A 31 4.40 -1.44 -22.47
C ARG A 31 5.56 -1.55 -21.49
N MET A 32 6.24 -2.69 -21.47
CA MET A 32 7.30 -2.90 -20.47
C MET A 32 8.49 -1.98 -20.77
N GLY A 33 8.81 -1.82 -22.04
CA GLY A 33 9.92 -0.89 -22.44
C GLY A 33 9.68 0.49 -21.85
N TYR A 34 8.41 0.94 -21.89
CA TYR A 34 8.07 2.24 -21.36
C TYR A 34 8.19 2.29 -19.79
N VAL A 35 7.72 1.25 -19.13
CA VAL A 35 7.84 1.14 -17.65
C VAL A 35 9.32 1.13 -17.27
N LEU A 36 10.16 0.53 -18.09
CA LEU A 36 11.58 0.61 -17.82
C LEU A 36 12.19 2.01 -18.06
N GLU A 37 11.65 2.83 -18.97
CA GLU A 37 12.07 4.26 -19.07
C GLU A 37 11.76 4.97 -17.82
N LEU A 38 10.57 4.73 -17.25
CA LEU A 38 10.20 5.36 -16.01
C LEU A 38 11.08 4.89 -14.85
N VAL A 39 11.51 3.60 -14.81
CA VAL A 39 12.45 3.19 -13.76
C VAL A 39 13.73 4.11 -13.76
N ARG A 40 14.30 4.25 -14.95
CA ARG A 40 15.51 5.01 -15.13
C ARG A 40 15.23 6.45 -14.75
N ALA A 41 14.10 7.05 -15.21
CA ALA A 41 13.77 8.42 -14.81
C ALA A 41 13.60 8.55 -13.28
N ASN A 42 13.02 7.53 -12.65
CA ASN A 42 12.75 7.62 -11.23
C ASN A 42 14.03 7.62 -10.40
N ILE A 43 14.97 6.77 -10.79
CA ILE A 43 16.27 6.68 -10.11
C ILE A 43 16.95 8.04 -10.26
N ALA A 44 16.81 8.70 -11.41
CA ALA A 44 17.40 10.03 -11.55
C ALA A 44 16.66 11.09 -10.74
N ALA A 45 15.37 10.86 -10.39
CA ALA A 45 14.56 11.83 -9.63
C ALA A 45 14.47 11.37 -8.15
N ASP A 46 15.51 10.69 -7.70
CA ASP A 46 15.66 10.45 -6.27
C ASP A 46 14.71 9.40 -5.67
N GLY A 47 14.19 8.48 -6.49
CA GLY A 47 13.31 7.43 -6.00
C GLY A 47 13.89 6.04 -6.18
N GLY A 48 13.11 5.01 -5.83
CA GLY A 48 13.59 3.61 -5.87
C GLY A 48 13.58 3.13 -7.32
N PRO A 49 14.36 2.06 -7.65
CA PRO A 49 14.53 1.48 -8.98
C PRO A 49 13.31 0.66 -9.44
N PHE A 50 12.09 1.23 -9.29
CA PHE A 50 10.87 0.42 -9.60
C PHE A 50 9.82 1.33 -10.24
N ALA A 51 9.11 0.79 -11.22
CA ALA A 51 8.04 1.57 -11.88
C ALA A 51 6.99 0.59 -12.30
N ALA A 52 5.82 1.11 -12.59
CA ALA A 52 4.65 0.27 -12.98
C ALA A 52 3.64 1.11 -13.70
N ALA A 53 2.81 0.48 -14.55
CA ALA A 53 1.81 1.31 -15.19
C ALA A 53 0.58 0.46 -15.42
N VAL A 54 -0.56 1.09 -15.34
CA VAL A 54 -1.84 0.43 -15.66
C VAL A 54 -2.21 0.82 -17.08
N PHE A 55 -2.45 -0.22 -17.85
CA PHE A 55 -2.92 -0.13 -19.23
C PHE A 55 -4.28 -0.73 -19.39
N GLU A 56 -5.06 -0.23 -20.37
CA GLU A 56 -6.15 -1.06 -20.90
C GLU A 56 -5.55 -2.31 -21.55
N ARG A 57 -5.90 -3.48 -21.05
CA ARG A 57 -5.37 -4.70 -21.55
C ARG A 57 -5.57 -4.89 -23.05
N ASP A 58 -6.77 -4.62 -23.55
CA ASP A 58 -7.03 -4.90 -24.99
C ASP A 58 -6.81 -3.77 -26.02
N SER A 59 -6.51 -2.57 -25.57
CA SER A 59 -6.22 -1.48 -26.51
C SER A 59 -4.77 -1.00 -26.36
N GLY A 60 -4.14 -1.30 -25.22
CA GLY A 60 -2.81 -0.72 -24.87
C GLY A 60 -2.81 0.75 -24.47
N LEU A 61 -3.98 1.37 -24.31
CA LEU A 61 -4.05 2.76 -23.82
C LEU A 61 -3.44 2.85 -22.42
N LEU A 62 -2.51 3.75 -22.21
CA LEU A 62 -2.00 3.99 -20.84
C LEU A 62 -3.05 4.69 -19.96
N ILE A 63 -3.38 4.07 -18.83
CA ILE A 63 -4.25 4.72 -17.86
C ILE A 63 -3.45 5.58 -16.81
N ALA A 64 -2.49 4.98 -16.11
CA ALA A 64 -1.68 5.75 -15.14
C ALA A 64 -0.35 5.05 -14.91
N ALA A 65 0.66 5.79 -14.44
CA ALA A 65 1.97 5.16 -14.17
C ALA A 65 2.32 5.57 -12.80
N GLY A 66 3.09 4.73 -12.13
CA GLY A 66 3.58 5.10 -10.84
C GLY A 66 4.99 4.61 -10.67
N THR A 67 5.67 5.15 -9.66
CA THR A 67 7.04 4.76 -9.41
C THR A 67 7.24 4.72 -7.91
N ASN A 68 8.31 4.07 -7.46
CA ASN A 68 8.62 4.06 -6.06
C ASN A 68 9.04 5.45 -5.56
N ARG A 69 8.27 6.02 -4.62
CA ARG A 69 8.60 7.29 -4.05
C ARG A 69 8.67 7.14 -2.53
N VAL A 70 9.12 5.97 -2.04
CA VAL A 70 9.13 5.69 -0.59
C VAL A 70 9.96 6.76 0.14
N VAL A 71 11.20 6.96 -0.33
CA VAL A 71 12.05 7.87 0.43
C VAL A 71 11.65 9.35 0.18
N PRO A 72 11.60 9.77 -1.09
CA PRO A 72 11.28 11.16 -1.33
C PRO A 72 9.85 11.52 -0.84
N GLY A 73 8.91 10.57 -0.81
CA GLY A 73 7.58 10.90 -0.36
C GLY A 73 7.32 10.56 1.12
N ARG A 74 8.36 10.19 1.88
CA ARG A 74 8.26 9.79 3.26
C ARG A 74 7.09 8.85 3.49
N CYS A 75 6.94 7.83 2.64
CA CYS A 75 5.75 6.97 2.72
C CYS A 75 6.12 5.50 2.33
N SER A 76 6.21 4.58 3.29
CA SER A 76 6.70 3.24 2.98
C SER A 76 5.69 2.48 2.10
N ALA A 77 4.49 3.04 1.97
CA ALA A 77 3.42 2.45 1.17
C ALA A 77 3.56 2.81 -0.30
N ALA A 78 4.50 3.72 -0.62
CA ALA A 78 4.48 4.35 -1.94
C ALA A 78 5.33 3.57 -2.93
N HIS A 79 5.02 2.29 -3.03
CA HIS A 79 5.61 1.40 -4.06
C HIS A 79 5.04 1.72 -5.39
N ALA A 80 5.79 1.40 -6.44
CA ALA A 80 5.32 1.72 -7.82
C ALA A 80 3.88 1.30 -8.07
N GLU A 81 3.58 0.06 -7.66
CA GLU A 81 2.31 -0.64 -7.96
C GLU A 81 1.13 0.08 -7.27
N ILE A 82 1.37 0.46 -6.01
CA ILE A 82 0.41 1.27 -5.23
C ILE A 82 0.11 2.57 -5.90
N LEU A 83 1.16 3.31 -6.28
CA LEU A 83 0.92 4.56 -7.03
C LEU A 83 0.18 4.37 -8.33
N ALA A 84 0.57 3.38 -9.11
CA ALA A 84 -0.02 3.26 -10.41
C ALA A 84 -1.46 2.85 -10.28
N LEU A 85 -1.70 1.81 -9.48
CA LEU A 85 -3.09 1.37 -9.21
C LEU A 85 -4.00 2.52 -8.71
N SER A 86 -3.51 3.30 -7.74
CA SER A 86 -4.34 4.29 -7.09
C SER A 86 -4.56 5.43 -8.04
N LEU A 87 -3.55 5.78 -8.87
CA LEU A 87 -3.72 6.95 -9.74
C LEU A 87 -4.70 6.59 -10.90
N ALA A 88 -4.65 5.32 -11.30
CA ALA A 88 -5.56 4.77 -12.32
C ALA A 88 -7.01 4.82 -11.80
N GLN A 89 -7.16 4.47 -10.52
CA GLN A 89 -8.45 4.47 -9.85
C GLN A 89 -9.01 5.85 -9.75
N ALA A 90 -8.12 6.77 -9.37
CA ALA A 90 -8.51 8.16 -9.28
C ALA A 90 -8.98 8.70 -10.65
N LYS A 91 -8.26 8.43 -11.73
CA LYS A 91 -8.60 8.92 -13.07
C LYS A 91 -9.92 8.34 -13.59
N LEU A 92 -10.13 7.07 -13.38
CA LEU A 92 -11.35 6.43 -13.77
C LEU A 92 -12.47 6.54 -12.75
N ASP A 93 -12.19 7.13 -11.58
CA ASP A 93 -13.21 7.54 -10.60
C ASP A 93 -13.94 6.29 -10.05
N THR A 94 -13.12 5.27 -9.74
CA THR A 94 -13.60 4.10 -9.05
C THR A 94 -12.49 3.38 -8.27
N HIS A 95 -12.81 2.78 -7.13
CA HIS A 95 -11.88 1.86 -6.43
C HIS A 95 -11.65 0.56 -7.16
N ASP A 96 -12.51 0.23 -8.11
CA ASP A 96 -12.49 -1.08 -8.65
C ASP A 96 -12.26 -0.97 -10.15
N LEU A 97 -11.10 -1.43 -10.59
CA LEU A 97 -10.73 -1.33 -12.02
C LEU A 97 -11.53 -2.31 -12.91
N SER A 98 -12.31 -3.16 -12.22
CA SER A 98 -13.17 -4.15 -12.83
C SER A 98 -14.63 -3.67 -12.79
N ALA A 99 -14.87 -2.44 -12.35
CA ALA A 99 -16.25 -1.91 -12.25
C ALA A 99 -16.94 -2.04 -13.63
N ASP A 100 -18.28 -2.08 -13.64
CA ASP A 100 -19.03 -2.21 -14.89
C ASP A 100 -18.73 -1.11 -15.83
N GLY A 101 -18.56 -1.45 -17.10
CA GLY A 101 -18.35 -0.42 -18.09
C GLY A 101 -16.88 -0.09 -18.22
N LEU A 102 -16.07 -0.49 -17.27
CA LEU A 102 -14.63 -0.27 -17.50
C LEU A 102 -13.97 -1.34 -18.37
N PRO A 103 -12.96 -0.92 -19.16
CA PRO A 103 -12.15 -1.86 -19.92
C PRO A 103 -11.34 -2.74 -18.96
N ALA A 104 -11.10 -4.00 -19.31
CA ALA A 104 -10.17 -4.82 -18.49
C ALA A 104 -8.80 -4.13 -18.42
N CYS A 105 -8.25 -4.05 -17.21
CA CYS A 105 -6.92 -3.41 -16.94
C CYS A 105 -5.82 -4.39 -16.66
N GLU A 106 -4.57 -4.01 -17.00
CA GLU A 106 -3.41 -4.82 -16.81
C GLU A 106 -2.37 -3.97 -16.06
N LEU A 107 -1.72 -4.55 -15.05
CA LEU A 107 -0.62 -3.85 -14.38
C LEU A 107 0.66 -4.36 -14.94
N VAL A 108 1.48 -3.45 -15.49
CA VAL A 108 2.75 -3.83 -16.07
C VAL A 108 3.83 -3.31 -15.09
N THR A 109 4.65 -4.19 -14.54
CA THR A 109 5.51 -3.73 -13.41
C THR A 109 6.99 -4.17 -13.60
N SER A 110 7.92 -3.34 -13.18
CA SER A 110 9.38 -3.57 -13.51
C SER A 110 9.93 -4.75 -12.68
N ALA A 111 9.20 -5.21 -11.65
CA ALA A 111 9.67 -6.34 -10.83
C ALA A 111 8.47 -7.07 -10.25
N GLU A 112 8.67 -8.32 -9.83
CA GLU A 112 7.59 -9.05 -9.15
C GLU A 112 7.19 -8.30 -7.88
N PRO A 113 5.88 -8.30 -7.56
CA PRO A 113 5.42 -7.51 -6.38
C PRO A 113 5.89 -8.05 -5.03
N CYS A 114 6.18 -7.17 -4.08
CA CYS A 114 6.33 -7.61 -2.69
C CYS A 114 4.92 -7.96 -2.14
N VAL A 115 4.90 -8.49 -0.91
CA VAL A 115 3.66 -9.08 -0.37
C VAL A 115 2.58 -7.98 -0.25
N MET A 116 2.97 -6.72 0.09
CA MET A 116 1.99 -5.64 0.18
C MET A 116 1.30 -5.44 -1.20
N CYS A 117 2.14 -5.35 -2.24
CA CYS A 117 1.71 -5.05 -3.56
C CYS A 117 0.93 -6.17 -4.22
N PHE A 118 1.29 -7.39 -3.93
CA PHE A 118 0.56 -8.58 -4.27
C PHE A 118 -0.91 -8.40 -3.76
N GLY A 119 -1.07 -8.04 -2.48
CA GLY A 119 -2.42 -7.80 -1.95
C GLY A 119 -3.12 -6.65 -2.66
N ALA A 120 -2.40 -5.55 -2.95
CA ALA A 120 -2.99 -4.43 -3.69
C ALA A 120 -3.49 -4.84 -5.07
N VAL A 121 -2.75 -5.74 -5.69
CA VAL A 121 -3.06 -6.15 -7.01
C VAL A 121 -4.39 -6.91 -6.98
N ILE A 122 -4.56 -7.75 -5.97
CA ILE A 122 -5.83 -8.53 -5.85
C ILE A 122 -7.03 -7.57 -5.64
N TRP A 123 -6.88 -6.57 -4.76
CA TRP A 123 -7.98 -5.68 -4.49
C TRP A 123 -8.29 -4.73 -5.62
N SER A 124 -7.37 -4.50 -6.52
CA SER A 124 -7.47 -3.34 -7.39
C SER A 124 -8.48 -3.52 -8.51
N GLY A 125 -8.73 -4.77 -8.87
CA GLY A 125 -9.58 -5.07 -10.02
C GLY A 125 -8.84 -5.24 -11.33
N VAL A 126 -7.52 -5.06 -11.38
CA VAL A 126 -6.80 -5.47 -12.66
C VAL A 126 -7.01 -6.96 -12.94
N ARG A 127 -6.95 -7.37 -14.22
CA ARG A 127 -7.16 -8.76 -14.58
C ARG A 127 -5.88 -9.44 -15.04
N SER A 128 -4.79 -8.67 -15.16
CA SER A 128 -3.50 -9.21 -15.59
CA SER A 128 -3.50 -9.20 -15.60
C SER A 128 -2.36 -8.44 -14.93
N LEU A 129 -1.31 -9.19 -14.58
CA LEU A 129 -0.10 -8.68 -13.99
C LEU A 129 1.11 -9.11 -14.90
N VAL A 130 1.91 -8.17 -15.38
CA VAL A 130 3.04 -8.53 -16.24
C VAL A 130 4.27 -7.97 -15.57
N CYS A 131 5.28 -8.82 -15.25
CA CYS A 131 6.50 -8.36 -14.46
C CYS A 131 7.75 -8.52 -15.25
N ALA A 132 8.75 -7.69 -14.95
CA ALA A 132 10.04 -7.85 -15.62
C ALA A 132 11.03 -8.61 -14.74
N ALA A 133 11.68 -7.94 -13.79
CA ALA A 133 12.64 -8.65 -12.92
C ALA A 133 11.95 -9.67 -11.93
N ARG A 134 12.60 -10.77 -11.66
CA ARG A 134 12.13 -11.79 -10.70
C ARG A 134 12.47 -11.41 -9.24
N SER A 135 11.79 -12.06 -8.31
CA SER A 135 12.01 -11.83 -6.91
C SER A 135 13.49 -12.00 -6.56
N ASP A 136 14.15 -12.98 -7.19
CA ASP A 136 15.57 -13.26 -6.89
C ASP A 136 16.47 -12.14 -7.36
N ASP A 137 16.11 -11.55 -8.50
CA ASP A 137 16.79 -10.35 -8.98
C ASP A 137 16.76 -9.21 -7.98
N VAL A 138 15.62 -8.98 -7.33
CA VAL A 138 15.55 -7.77 -6.54
C VAL A 138 16.23 -8.08 -5.19
N GLU A 139 16.12 -9.34 -4.78
CA GLU A 139 16.76 -9.75 -3.52
C GLU A 139 18.27 -9.67 -3.71
N ALA A 140 18.73 -10.01 -4.90
CA ALA A 140 20.18 -9.95 -5.15
C ALA A 140 20.79 -8.57 -4.97
N ILE A 141 20.06 -7.48 -5.18
CA ILE A 141 20.59 -6.16 -4.86
C ILE A 141 20.16 -5.68 -3.45
N GLY A 142 19.78 -6.63 -2.60
CA GLY A 142 19.51 -6.33 -1.19
C GLY A 142 18.09 -5.99 -0.78
N PHE A 143 17.14 -5.97 -1.71
CA PHE A 143 15.82 -5.76 -1.30
C PHE A 143 15.23 -7.10 -0.90
N ASP A 144 13.98 -7.08 -0.52
CA ASP A 144 13.30 -8.21 0.12
C ASP A 144 11.81 -8.06 -0.23
N GLU A 145 11.25 -9.14 -0.79
CA GLU A 145 9.83 -9.17 -1.22
C GLU A 145 8.86 -9.42 -0.09
N GLY A 146 9.41 -9.76 1.08
CA GLY A 146 8.61 -10.05 2.26
C GLY A 146 7.95 -11.44 2.20
N PRO A 147 7.14 -11.75 3.18
CA PRO A 147 6.57 -13.10 3.25
C PRO A 147 5.31 -13.26 2.36
N ARG A 148 5.48 -13.36 1.03
CA ARG A 148 4.36 -13.80 0.16
C ARG A 148 3.88 -15.21 0.51
N PRO A 149 2.58 -15.49 0.35
CA PRO A 149 2.10 -16.87 0.53
C PRO A 149 2.86 -17.83 -0.41
N GLU A 150 2.81 -19.13 -0.08
CA GLU A 150 3.35 -20.15 -0.98
C GLU A 150 2.54 -20.11 -2.29
N ASN A 151 3.21 -20.29 -3.42
CA ASN A 151 2.51 -20.23 -4.71
C ASN A 151 1.74 -18.91 -5.00
N TRP A 152 2.34 -17.77 -4.70
CA TRP A 152 1.63 -16.51 -4.91
C TRP A 152 1.15 -16.36 -6.33
N MET A 153 1.89 -16.83 -7.32
CA MET A 153 1.41 -16.75 -8.72
C MET A 153 0.15 -17.54 -8.96
N GLY A 154 0.10 -18.77 -8.48
CA GLY A 154 -1.15 -19.56 -8.53
C GLY A 154 -2.34 -18.93 -7.80
N GLY A 155 -2.05 -18.27 -6.67
CA GLY A 155 -3.06 -17.54 -5.94
C GLY A 155 -3.65 -16.40 -6.75
N LEU A 156 -2.84 -15.74 -7.56
CA LEU A 156 -3.34 -14.74 -8.47
C LEU A 156 -4.21 -15.34 -9.55
N GLU A 157 -3.77 -16.46 -10.14
CA GLU A 157 -4.50 -17.07 -11.21
C GLU A 157 -5.83 -17.63 -10.72
N ALA A 158 -5.82 -18.20 -9.49
CA ALA A 158 -7.09 -18.59 -8.74
C ALA A 158 -8.08 -17.43 -8.52
N ARG A 159 -7.57 -16.19 -8.41
CA ARG A 159 -8.46 -15.06 -8.36
C ARG A 159 -8.72 -14.45 -9.71
N GLY A 160 -8.45 -15.15 -10.82
CA GLY A 160 -8.71 -14.65 -12.18
C GLY A 160 -7.74 -13.58 -12.72
N ILE A 161 -6.55 -13.56 -12.15
CA ILE A 161 -5.59 -12.52 -12.55
C ILE A 161 -4.46 -13.29 -13.20
N THR A 162 -4.28 -13.06 -14.49
CA THR A 162 -3.26 -13.77 -15.35
C THR A 162 -1.90 -13.15 -14.99
N VAL A 163 -0.88 -13.99 -14.80
CA VAL A 163 0.46 -13.53 -14.37
C VAL A 163 1.49 -13.91 -15.43
N THR A 164 2.34 -12.95 -15.83
CA THR A 164 3.47 -13.27 -16.69
C THR A 164 4.68 -12.66 -15.95
N THR A 165 5.80 -13.37 -15.93
CA THR A 165 7.02 -12.75 -15.42
C THR A 165 8.23 -12.90 -16.39
N GLY A 166 9.27 -12.08 -16.22
CA GLY A 166 10.48 -12.27 -17.04
C GLY A 166 10.50 -11.42 -18.26
N LEU A 167 9.51 -10.57 -18.39
CA LEU A 167 9.43 -9.82 -19.64
C LEU A 167 10.44 -8.68 -19.60
N LEU A 168 11.34 -8.64 -20.60
CA LEU A 168 12.54 -7.70 -20.53
C LEU A 168 13.30 -7.76 -19.21
N ARG A 169 13.49 -8.95 -18.74
CA ARG A 169 14.08 -9.16 -17.45
C ARG A 169 15.55 -8.67 -17.51
N ASP A 170 16.24 -8.94 -18.60
CA ASP A 170 17.68 -8.54 -18.68
C ASP A 170 17.91 -7.02 -18.52
N ALA A 171 17.07 -6.25 -19.19
CA ALA A 171 17.14 -4.79 -19.03
C ALA A 171 16.71 -4.29 -17.64
N ALA A 172 15.65 -4.92 -17.08
CA ALA A 172 15.17 -4.49 -15.79
C ALA A 172 16.28 -4.84 -14.78
N CYS A 173 16.97 -5.98 -15.00
CA CYS A 173 18.05 -6.39 -14.08
C CYS A 173 19.25 -5.45 -14.17
N ALA A 174 19.53 -5.02 -15.41
CA ALA A 174 20.60 -4.04 -15.67
C ALA A 174 20.29 -2.80 -14.83
N LEU A 175 19.08 -2.23 -14.96
CA LEU A 175 18.74 -1.08 -14.16
C LEU A 175 18.85 -1.31 -12.61
N LEU A 176 18.38 -2.43 -12.09
CA LEU A 176 18.55 -2.70 -10.65
C LEU A 176 20.05 -2.61 -10.28
N ARG A 177 20.90 -3.21 -11.10
CA ARG A 177 22.35 -3.23 -10.78
C ARG A 177 22.90 -1.82 -10.82
N GLU A 178 22.42 -1.01 -11.76
CA GLU A 178 22.88 0.35 -11.87
C GLU A 178 22.50 1.21 -10.65
N TYR A 179 21.26 1.05 -10.17
CA TYR A 179 20.85 1.64 -8.97
C TYR A 179 21.75 1.17 -7.84
N ASN A 180 22.05 -0.13 -7.80
CA ASN A 180 22.81 -0.73 -6.69
C ASN A 180 24.15 -0.06 -6.67
N ALA A 181 24.78 0.00 -7.84
CA ALA A 181 26.12 0.56 -7.99
C ALA A 181 26.18 2.02 -7.60
N CYS A 182 25.05 2.72 -7.57
CA CYS A 182 25.09 4.17 -7.30
C CYS A 182 24.62 4.53 -5.91
N ASN A 183 24.20 3.52 -5.19
CA ASN A 183 23.55 3.75 -3.96
C ASN A 183 24.56 3.25 -2.93
N GLY A 184 25.27 4.23 -2.40
CA GLY A 184 26.31 4.07 -1.42
C GLY A 184 26.55 5.52 -1.05
N VAL A 185 27.33 5.76 -0.03
CA VAL A 185 27.50 7.15 0.39
C VAL A 185 28.79 7.78 -0.18
N ILE A 186 29.79 6.98 -0.56
CA ILE A 186 31.06 7.54 -1.05
C ILE A 186 30.80 8.16 -2.40
N TYR A 187 31.08 9.46 -2.59
CA TYR A 187 30.72 10.13 -3.85
C TYR A 187 31.38 9.36 -5.01
N ASN A 188 30.65 9.25 -6.11
CA ASN A 188 31.22 8.70 -7.33
C ASN A 188 30.60 9.45 -8.51
N ALA A 189 31.39 10.40 -9.02
CA ALA A 189 31.10 11.18 -10.25
C ALA A 189 30.24 10.55 -11.39
N ARG A 190 30.56 9.30 -11.78
CA ARG A 190 29.75 8.60 -12.82
C ARG A 190 28.33 8.24 -12.37
N CYS A 191 28.03 8.39 -11.07
CA CYS A 191 26.66 8.58 -10.56
C CYS A 191 26.40 10.07 -10.29
N MET B 3 -5.88 14.55 -8.91
CA MET B 3 -5.03 15.69 -8.45
C MET B 3 -4.01 16.06 -9.54
N ASN B 4 -3.60 15.08 -10.35
CA ASN B 4 -2.74 15.38 -11.51
C ASN B 4 -1.24 15.35 -11.17
N ASP B 5 -0.84 16.19 -10.22
CA ASP B 5 0.54 16.22 -9.71
C ASP B 5 0.73 15.56 -8.32
N ALA B 6 -0.27 14.73 -7.93
CA ALA B 6 -0.18 13.96 -6.68
C ALA B 6 -1.24 12.89 -6.62
N LEU B 7 -0.91 11.83 -5.88
CA LEU B 7 -1.94 10.94 -5.34
C LEU B 7 -2.44 11.62 -4.03
N HIS B 8 -3.73 12.00 -3.97
CA HIS B 8 -4.29 12.74 -2.82
C HIS B 8 -5.52 12.07 -2.36
N ILE B 9 -5.47 11.52 -1.17
CA ILE B 9 -6.68 10.97 -0.57
C ILE B 9 -7.12 11.90 0.54
N GLY B 10 -8.20 12.64 0.30
CA GLY B 10 -8.75 13.56 1.31
C GLY B 10 -9.31 12.74 2.46
N LEU B 11 -9.52 13.37 3.60
CA LEU B 11 -10.03 12.66 4.77
C LEU B 11 -11.23 13.41 5.24
N PRO B 12 -12.24 12.69 5.77
CA PRO B 12 -13.45 13.29 6.26
C PRO B 12 -13.11 14.14 7.53
N PRO B 13 -13.96 15.11 7.84
CA PRO B 13 -13.70 16.02 8.98
C PRO B 13 -13.30 15.32 10.32
N PHE B 14 -14.05 14.28 10.78
CA PHE B 14 -13.68 13.64 12.07
C PHE B 14 -12.26 13.06 12.05
N LEU B 15 -11.79 12.64 10.87
CA LEU B 15 -10.46 11.98 10.71
C LEU B 15 -9.33 13.00 10.62
N VAL B 16 -9.60 14.11 9.96
CA VAL B 16 -8.64 15.25 10.02
C VAL B 16 -8.54 15.72 11.47
N GLN B 17 -9.70 15.86 12.12
CA GLN B 17 -9.64 16.20 13.58
C GLN B 17 -8.85 15.16 14.40
N ALA B 18 -9.07 13.85 14.17
CA ALA B 18 -8.30 12.84 14.89
C ALA B 18 -6.80 12.96 14.68
N ASN B 19 -6.38 13.42 13.50
CA ASN B 19 -4.95 13.51 13.19
C ASN B 19 -4.21 14.79 13.66
N ASN B 20 -5.00 15.65 14.29
CA ASN B 20 -4.64 17.02 14.71
C ASN B 20 -5.25 17.36 16.05
N GLU B 21 -5.61 16.37 16.84
CA GLU B 21 -5.99 16.64 18.22
C GLU B 21 -5.07 15.88 19.17
N PRO B 22 -4.63 16.55 20.27
CA PRO B 22 -3.81 15.84 21.25
C PRO B 22 -4.53 14.70 21.97
N ARG B 23 -3.91 13.52 22.01
CA ARG B 23 -4.45 12.36 22.74
C ARG B 23 -3.34 11.49 23.22
N VAL B 24 -3.23 11.34 24.52
CA VAL B 24 -2.34 10.38 25.11
C VAL B 24 -3.26 9.35 25.77
N LEU B 25 -3.18 8.08 25.35
CA LEU B 25 -4.06 7.02 25.88
C LEU B 25 -3.19 5.85 26.34
N ALA B 26 -2.91 5.77 27.64
CA ALA B 26 -1.83 4.91 28.08
C ALA B 26 -2.18 3.41 27.99
N ALA B 27 -3.41 3.05 28.42
CA ALA B 27 -3.83 1.63 28.47
C ALA B 27 -4.07 1.12 27.04
N PRO B 28 -3.77 -0.16 26.77
CA PRO B 28 -4.05 -0.72 25.42
C PRO B 28 -5.54 -0.62 25.08
N GLU B 29 -6.42 -0.85 26.08
CA GLU B 29 -7.83 -0.89 25.76
C GLU B 29 -8.34 0.49 25.54
N ALA B 30 -7.70 1.49 26.17
CA ALA B 30 -8.06 2.89 25.87
C ALA B 30 -7.73 3.25 24.40
N ARG B 31 -6.56 2.88 23.97
CA ARG B 31 -6.17 3.06 22.56
C ARG B 31 -7.20 2.36 21.67
N MET B 32 -7.50 1.10 21.98
CA MET B 32 -8.47 0.37 21.12
C MET B 32 -9.90 1.04 21.16
N GLY B 33 -10.37 1.50 22.31
CA GLY B 33 -11.66 2.12 22.45
C GLY B 33 -11.72 3.30 21.51
N TYR B 34 -10.68 4.13 21.48
CA TYR B 34 -10.66 5.32 20.64
C TYR B 34 -10.75 4.92 19.12
N VAL B 35 -9.96 3.92 18.78
CA VAL B 35 -9.94 3.29 17.40
C VAL B 35 -11.39 2.80 17.09
N LEU B 36 -12.11 2.28 18.08
CA LEU B 36 -13.45 1.82 17.77
C LEU B 36 -14.39 3.02 17.62
N GLU B 37 -14.17 4.13 18.35
CA GLU B 37 -14.94 5.35 18.04
C GLU B 37 -14.76 5.87 16.60
N LEU B 38 -13.54 5.74 16.09
CA LEU B 38 -13.23 6.10 14.66
C LEU B 38 -13.92 5.14 13.68
N VAL B 39 -13.98 3.86 14.00
CA VAL B 39 -14.86 2.98 13.20
C VAL B 39 -16.30 3.53 13.02
N ARG B 40 -16.93 3.89 14.11
CA ARG B 40 -18.36 4.31 14.03
C ARG B 40 -18.49 5.62 13.29
N ALA B 41 -17.52 6.52 13.51
CA ALA B 41 -17.57 7.80 12.81
C ALA B 41 -17.37 7.53 11.31
N ASN B 42 -16.51 6.57 10.98
CA ASN B 42 -16.26 6.28 9.58
C ASN B 42 -17.42 5.73 8.76
N ILE B 43 -18.17 4.86 9.40
CA ILE B 43 -19.38 4.27 8.80
C ILE B 43 -20.37 5.41 8.54
N ALA B 44 -20.47 6.34 9.49
CA ALA B 44 -21.41 7.46 9.31
C ALA B 44 -20.92 8.35 8.16
N ALA B 45 -19.59 8.36 7.93
CA ALA B 45 -18.97 9.12 6.84
C ALA B 45 -18.73 8.27 5.58
N ASP B 46 -19.66 7.34 5.29
CA ASP B 46 -19.67 6.49 4.08
C ASP B 46 -18.46 5.57 3.87
N GLY B 47 -17.73 5.20 4.92
CA GLY B 47 -16.50 4.40 4.72
C GLY B 47 -16.77 3.00 5.27
N GLY B 48 -15.79 2.09 5.09
CA GLY B 48 -15.85 0.74 5.63
C GLY B 48 -15.70 0.76 7.17
N PRO B 49 -16.01 -0.39 7.81
CA PRO B 49 -16.12 -0.43 9.28
C PRO B 49 -14.77 -0.83 9.84
N PHE B 50 -13.73 -0.03 9.52
CA PHE B 50 -12.31 -0.35 9.93
C PHE B 50 -11.62 0.96 10.22
N ALA B 51 -10.80 0.94 11.25
CA ALA B 51 -10.02 2.12 11.60
C ALA B 51 -8.78 1.59 12.28
N ALA B 52 -7.85 2.48 12.42
CA ALA B 52 -6.52 2.12 12.95
C ALA B 52 -5.82 3.41 13.32
N ALA B 53 -4.98 3.29 14.31
CA ALA B 53 -4.19 4.46 14.72
C ALA B 53 -2.80 4.05 15.15
N VAL B 54 -1.86 4.92 14.82
CA VAL B 54 -0.49 4.65 15.27
C VAL B 54 -0.30 5.43 16.58
N PHE B 55 0.21 4.77 17.62
CA PHE B 55 0.49 5.41 18.90
C PHE B 55 1.99 5.18 19.26
N GLU B 56 2.59 6.05 20.07
CA GLU B 56 3.87 5.68 20.68
C GLU B 56 3.56 4.54 21.63
N ARG B 57 4.33 3.47 21.52
CA ARG B 57 4.06 2.21 22.20
C ARG B 57 4.03 2.45 23.72
N ASP B 58 4.97 3.24 24.22
CA ASP B 58 5.07 3.31 25.66
C ASP B 58 4.14 4.34 26.28
N SER B 59 4.25 5.59 25.87
CA SER B 59 3.36 6.68 26.27
C SER B 59 1.87 6.56 25.92
N GLY B 60 1.58 5.98 24.76
CA GLY B 60 0.22 6.00 24.23
C GLY B 60 -0.11 7.34 23.55
N LEU B 61 0.90 8.14 23.16
CA LEU B 61 0.59 9.40 22.47
C LEU B 61 0.03 9.02 21.10
N LEU B 62 -1.14 9.52 20.71
CA LEU B 62 -1.63 9.28 19.35
C LEU B 62 -0.78 10.02 18.34
N ILE B 63 -0.30 9.32 17.30
CA ILE B 63 0.53 9.98 16.27
C ILE B 63 -0.31 10.23 15.02
N ALA B 64 -1.10 9.23 14.58
CA ALA B 64 -1.93 9.42 13.41
C ALA B 64 -2.99 8.36 13.43
N ALA B 65 -4.04 8.64 12.69
CA ALA B 65 -5.13 7.68 12.55
C ALA B 65 -5.57 7.56 11.09
N GLY B 66 -6.18 6.42 10.77
CA GLY B 66 -6.66 6.20 9.43
C GLY B 66 -7.93 5.38 9.51
N THR B 67 -8.68 5.38 8.41
CA THR B 67 -9.92 4.58 8.41
C THR B 67 -10.06 4.05 6.96
N ASN B 68 -10.96 3.11 6.79
CA ASN B 68 -11.15 2.57 5.46
C ASN B 68 -11.90 3.63 4.63
N ARG B 69 -11.25 4.18 3.59
CA ARG B 69 -11.86 5.19 2.73
C ARG B 69 -11.93 4.70 1.24
N VAL B 70 -11.94 3.41 1.08
CA VAL B 70 -11.80 2.79 -0.24
C VAL B 70 -12.87 3.33 -1.20
N VAL B 71 -14.13 3.21 -0.80
CA VAL B 71 -15.18 3.57 -1.78
C VAL B 71 -15.29 5.10 -2.00
N PRO B 72 -15.43 5.86 -0.91
CA PRO B 72 -15.61 7.29 -1.16
C PRO B 72 -14.33 7.92 -1.67
N GLY B 73 -13.16 7.31 -1.35
CA GLY B 73 -11.85 7.82 -1.80
C GLY B 73 -11.47 7.29 -3.20
N ARG B 74 -12.30 6.40 -3.78
CA ARG B 74 -11.97 5.71 -5.08
C ARG B 74 -10.55 5.16 -5.08
N CYS B 75 -10.20 4.40 -4.04
CA CYS B 75 -8.79 3.99 -3.88
C CYS B 75 -8.83 2.67 -3.11
N SER B 76 -8.56 1.56 -3.83
CA SER B 76 -8.60 0.23 -3.17
C SER B 76 -7.47 0.08 -2.12
N ALA B 77 -6.39 0.85 -2.26
CA ALA B 77 -5.35 0.76 -1.20
C ALA B 77 -5.68 1.53 0.06
N ALA B 78 -6.75 2.32 0.05
CA ALA B 78 -7.08 3.17 1.21
C ALA B 78 -7.71 2.37 2.38
N HIS B 79 -7.07 1.26 2.81
CA HIS B 79 -7.41 0.59 4.04
C HIS B 79 -6.95 1.45 5.23
N ALA B 80 -7.61 1.25 6.37
CA ALA B 80 -7.30 2.04 7.59
C ALA B 80 -5.79 2.00 7.92
N GLU B 81 -5.18 0.80 7.84
CA GLU B 81 -3.77 0.55 8.24
C GLU B 81 -2.87 1.35 7.30
N ILE B 82 -3.15 1.30 6.00
CA ILE B 82 -2.34 2.12 5.08
C ILE B 82 -2.40 3.62 5.40
N LEU B 83 -3.62 4.17 5.57
CA LEU B 83 -3.76 5.57 5.93
C LEU B 83 -3.06 5.87 7.25
N ALA B 84 -3.25 5.02 8.27
CA ALA B 84 -2.69 5.36 9.63
C ALA B 84 -1.17 5.36 9.56
N LEU B 85 -0.60 4.29 8.96
CA LEU B 85 0.87 4.18 8.81
C LEU B 85 1.46 5.34 7.98
N SER B 86 0.83 5.65 6.86
CA SER B 86 1.32 6.74 5.97
C SER B 86 1.19 8.12 6.62
N LEU B 87 0.09 8.41 7.30
CA LEU B 87 -0.01 9.70 7.97
C LEU B 87 0.96 9.82 9.15
N ALA B 88 1.25 8.72 9.85
CA ALA B 88 2.24 8.77 10.96
C ALA B 88 3.63 9.05 10.36
N GLN B 89 3.92 8.43 9.25
CA GLN B 89 5.21 8.66 8.60
C GLN B 89 5.36 10.08 8.14
N ALA B 90 4.28 10.64 7.58
CA ALA B 90 4.27 12.04 7.16
C ALA B 90 4.48 12.96 8.36
N LYS B 91 3.77 12.72 9.43
CA LYS B 91 3.92 13.57 10.62
C LYS B 91 5.32 13.53 11.21
N LEU B 92 5.93 12.35 11.22
CA LEU B 92 7.22 12.18 11.84
C LEU B 92 8.34 12.46 10.87
N ASP B 93 7.98 12.91 9.67
CA ASP B 93 8.93 13.16 8.56
C ASP B 93 9.88 12.02 8.28
N THR B 94 9.39 10.80 8.17
CA THR B 94 10.23 9.75 7.68
C THR B 94 9.37 8.63 7.07
N HIS B 95 9.91 7.92 6.12
CA HIS B 95 9.21 6.71 5.64
C HIS B 95 9.41 5.50 6.56
N ASP B 96 10.20 5.63 7.61
CA ASP B 96 10.56 4.44 8.41
C ASP B 96 10.38 4.74 9.93
N LEU B 97 9.36 4.14 10.57
CA LEU B 97 8.95 4.45 11.98
C LEU B 97 9.88 3.81 13.04
N SER B 98 10.93 3.14 12.59
CA SER B 98 11.89 2.63 13.51
C SER B 98 13.20 3.38 13.27
N ALA B 99 13.15 4.52 12.56
CA ALA B 99 14.37 5.39 12.40
C ALA B 99 15.04 5.67 13.75
N ASP B 100 16.37 5.64 13.77
CA ASP B 100 17.09 5.76 15.00
C ASP B 100 16.61 7.03 15.76
N GLY B 101 16.29 6.91 17.03
CA GLY B 101 15.93 8.09 17.82
C GLY B 101 14.44 8.32 17.91
N LEU B 102 13.66 7.80 16.96
CA LEU B 102 12.21 7.77 17.15
C LEU B 102 11.74 6.78 18.28
N PRO B 103 10.71 7.11 19.02
CA PRO B 103 10.23 6.13 19.95
C PRO B 103 9.53 5.04 19.21
N ALA B 104 9.44 3.90 19.86
CA ALA B 104 8.75 2.77 19.25
C ALA B 104 7.30 3.16 19.03
N CYS B 105 6.88 2.83 17.82
CA CYS B 105 5.50 2.98 17.36
C CYS B 105 4.66 1.70 17.35
N GLU B 106 3.39 1.83 17.69
CA GLU B 106 2.48 0.68 17.64
C GLU B 106 1.25 0.96 16.77
N LEU B 107 0.86 -0.01 15.95
CA LEU B 107 -0.38 0.18 15.18
C LEU B 107 -1.51 -0.58 15.89
N VAL B 108 -2.54 0.15 16.30
CA VAL B 108 -3.72 -0.40 16.99
C VAL B 108 -4.80 -0.42 15.91
N THR B 109 -5.31 -1.62 15.63
CA THR B 109 -6.20 -1.72 14.51
C THR B 109 -7.52 -2.38 14.94
N SER B 110 -8.61 -1.93 14.34
CA SER B 110 -9.93 -2.53 14.65
C SER B 110 -10.12 -3.99 14.22
N ALA B 111 -9.26 -4.50 13.35
CA ALA B 111 -9.37 -5.88 12.84
C ALA B 111 -8.04 -6.38 12.33
N GLU B 112 -7.81 -7.69 12.36
CA GLU B 112 -6.58 -8.28 11.80
C GLU B 112 -6.43 -7.86 10.35
N PRO B 113 -5.19 -7.62 9.94
CA PRO B 113 -4.91 -7.01 8.64
C PRO B 113 -5.07 -7.98 7.50
N CYS B 114 -5.52 -7.44 6.38
CA CYS B 114 -5.56 -8.23 5.14
C CYS B 114 -4.12 -8.39 4.60
N VAL B 115 -3.95 -9.17 3.51
CA VAL B 115 -2.58 -9.47 3.07
C VAL B 115 -1.82 -8.18 2.64
N MET B 116 -2.54 -7.23 2.01
CA MET B 116 -1.89 -5.98 1.63
C MET B 116 -1.35 -5.27 2.88
N CYS B 117 -2.23 -5.15 3.89
CA CYS B 117 -1.93 -4.40 5.11
C CYS B 117 -0.86 -5.08 5.96
N PHE B 118 -0.84 -6.42 5.89
CA PHE B 118 0.20 -7.30 6.46
C PHE B 118 1.54 -6.85 5.93
N GLY B 119 1.62 -6.75 4.59
CA GLY B 119 2.84 -6.22 3.92
C GLY B 119 3.15 -4.81 4.43
N ALA B 120 2.18 -3.92 4.43
CA ALA B 120 2.43 -2.54 4.77
C ALA B 120 3.00 -2.48 6.21
N VAL B 121 2.44 -3.31 7.10
CA VAL B 121 2.86 -3.29 8.50
C VAL B 121 4.35 -3.61 8.55
N ILE B 122 4.77 -4.64 7.83
CA ILE B 122 6.18 -5.07 7.81
C ILE B 122 7.17 -3.99 7.35
N TRP B 123 6.83 -3.21 6.34
CA TRP B 123 7.74 -2.18 5.79
C TRP B 123 7.64 -0.90 6.53
N SER B 124 6.68 -0.76 7.41
CA SER B 124 6.43 0.57 8.02
C SER B 124 7.41 1.00 9.08
N GLY B 125 8.05 0.04 9.77
CA GLY B 125 8.84 0.47 10.94
C GLY B 125 8.11 0.37 12.28
N VAL B 126 6.78 0.09 12.31
CA VAL B 126 6.10 -0.10 13.62
C VAL B 126 6.67 -1.36 14.27
N ARG B 127 6.74 -1.36 15.60
CA ARG B 127 7.26 -2.52 16.36
C ARG B 127 6.19 -3.33 17.08
N SER B 128 4.94 -2.92 16.92
CA SER B 128 3.90 -3.59 17.64
C SER B 128 2.60 -3.47 16.84
N LEU B 129 1.80 -4.52 16.85
CA LEU B 129 0.51 -4.48 16.19
C LEU B 129 -0.53 -5.04 17.17
N VAL B 130 -1.64 -4.30 17.40
CA VAL B 130 -2.65 -4.77 18.38
C VAL B 130 -3.95 -4.79 17.63
N CYS B 131 -4.61 -5.97 17.57
CA CYS B 131 -5.86 -6.07 16.78
C CYS B 131 -7.04 -6.40 17.66
N ALA B 132 -8.24 -5.91 17.23
CA ALA B 132 -9.49 -6.18 17.99
C ALA B 132 -10.23 -7.35 17.30
N ALA B 133 -11.01 -7.10 16.26
CA ALA B 133 -11.72 -8.23 15.57
C ALA B 133 -10.71 -9.22 14.91
N ARG B 134 -11.06 -10.51 14.89
CA ARG B 134 -10.22 -11.50 14.26
C ARG B 134 -10.64 -11.66 12.81
N SER B 135 -9.81 -12.32 12.04
CA SER B 135 -10.07 -12.49 10.59
C SER B 135 -11.37 -13.27 10.33
N ASP B 136 -11.72 -14.25 11.16
CA ASP B 136 -13.04 -14.87 10.94
C ASP B 136 -14.27 -13.92 11.17
N ASP B 137 -14.16 -12.97 12.12
CA ASP B 137 -15.13 -11.92 12.32
C ASP B 137 -15.29 -11.03 11.09
N VAL B 138 -14.16 -10.66 10.48
CA VAL B 138 -14.17 -9.82 9.26
C VAL B 138 -14.77 -10.64 8.07
N GLU B 139 -14.35 -11.90 7.93
CA GLU B 139 -15.01 -12.73 6.89
C GLU B 139 -16.50 -12.85 7.09
N ALA B 140 -16.97 -12.89 8.32
CA ALA B 140 -18.37 -13.10 8.65
C ALA B 140 -19.20 -11.90 8.26
N ILE B 141 -18.59 -10.78 7.85
CA ILE B 141 -19.42 -9.68 7.29
C ILE B 141 -19.04 -9.34 5.86
N GLY B 142 -18.45 -10.31 5.18
CA GLY B 142 -18.21 -10.18 3.77
C GLY B 142 -16.91 -9.55 3.34
N PHE B 143 -15.99 -9.19 4.26
CA PHE B 143 -14.65 -8.78 3.87
C PHE B 143 -13.67 -9.94 3.70
N ASP B 144 -12.84 -9.81 2.68
CA ASP B 144 -11.83 -10.87 2.32
C ASP B 144 -10.47 -10.49 2.97
N GLU B 145 -9.81 -11.40 3.68
CA GLU B 145 -8.42 -11.09 4.09
C GLU B 145 -7.39 -11.37 2.98
N GLY B 146 -7.83 -12.05 1.91
CA GLY B 146 -6.93 -12.33 0.77
C GLY B 146 -6.00 -13.47 1.15
N PRO B 147 -5.09 -13.83 0.26
CA PRO B 147 -4.17 -14.93 0.54
C PRO B 147 -2.98 -14.50 1.44
N ARG B 148 -3.18 -14.30 2.75
CA ARG B 148 -2.07 -14.07 3.69
C ARG B 148 -1.28 -15.35 3.82
N PRO B 149 0.05 -15.31 4.13
CA PRO B 149 0.64 -16.62 4.40
C PRO B 149 0.11 -17.23 5.68
N GLU B 150 0.30 -18.55 5.79
CA GLU B 150 0.03 -19.25 7.03
C GLU B 150 1.04 -18.74 8.03
N ASN B 151 0.56 -18.51 9.24
CA ASN B 151 1.38 -18.01 10.31
C ASN B 151 1.93 -16.63 10.01
N TRP B 152 1.06 -15.78 9.45
CA TRP B 152 1.32 -14.33 9.33
C TRP B 152 1.65 -13.71 10.67
N MET B 153 1.05 -14.17 11.78
CA MET B 153 1.41 -13.60 13.04
C MET B 153 2.86 -13.88 13.36
N GLY B 154 3.26 -15.14 13.23
CA GLY B 154 4.67 -15.54 13.35
C GLY B 154 5.57 -14.84 12.34
N GLY B 155 5.08 -14.60 11.11
CA GLY B 155 5.84 -13.85 10.14
C GLY B 155 6.15 -12.43 10.66
N LEU B 156 5.16 -11.81 11.34
CA LEU B 156 5.35 -10.46 11.89
C LEU B 156 6.33 -10.53 13.05
N GLU B 157 6.09 -11.49 13.95
CA GLU B 157 6.93 -11.64 15.12
C GLU B 157 8.38 -11.86 14.72
N ALA B 158 8.61 -12.66 13.68
CA ALA B 158 9.98 -12.87 13.17
C ALA B 158 10.63 -11.62 12.61
N ARG B 159 9.85 -10.60 12.28
CA ARG B 159 10.45 -9.37 11.84
C ARG B 159 10.41 -8.28 12.87
N GLY B 160 10.28 -8.63 14.15
CA GLY B 160 10.39 -7.67 15.26
C GLY B 160 9.11 -6.95 15.61
N ILE B 161 7.98 -7.46 15.14
CA ILE B 161 6.71 -6.80 15.44
C ILE B 161 5.95 -7.72 16.35
N THR B 162 5.74 -7.30 17.58
CA THR B 162 4.98 -8.14 18.48
C THR B 162 3.49 -7.96 18.16
N VAL B 163 2.73 -9.04 18.20
CA VAL B 163 1.34 -8.99 17.76
C VAL B 163 0.41 -9.32 18.96
N THR B 164 -0.62 -8.52 19.22
CA THR B 164 -1.69 -8.87 20.15
C THR B 164 -2.98 -8.95 19.34
N THR B 165 -3.84 -9.95 19.62
CA THR B 165 -5.11 -9.99 18.96
C THR B 165 -6.27 -10.07 19.94
N GLY B 166 -7.50 -9.86 19.44
CA GLY B 166 -8.72 -10.14 20.24
C GLY B 166 -8.97 -9.07 21.31
N LEU B 167 -8.18 -7.99 21.28
CA LEU B 167 -8.36 -6.87 22.26
C LEU B 167 -9.65 -6.02 22.00
N LEU B 168 -10.59 -6.03 22.98
CA LEU B 168 -11.95 -5.47 22.75
C LEU B 168 -12.63 -6.08 21.48
N ARG B 169 -12.28 -7.33 21.19
CA ARG B 169 -12.91 -8.03 20.07
C ARG B 169 -14.42 -7.92 20.02
N ASP B 170 -15.08 -8.10 21.16
CA ASP B 170 -16.54 -8.15 21.16
C ASP B 170 -17.16 -6.81 20.86
N ALA B 171 -16.49 -5.78 21.34
CA ALA B 171 -16.93 -4.45 21.06
C ALA B 171 -16.75 -4.15 19.58
N ALA B 172 -15.60 -4.53 18.98
CA ALA B 172 -15.33 -4.32 17.58
C ALA B 172 -16.33 -5.11 16.73
N CYS B 173 -16.66 -6.33 17.16
CA CYS B 173 -17.67 -7.19 16.44
C CYS B 173 -19.06 -6.55 16.47
N ALA B 174 -19.46 -5.91 17.58
CA ALA B 174 -20.76 -5.25 17.59
C ALA B 174 -20.83 -4.19 16.48
N LEU B 175 -19.71 -3.51 16.23
CA LEU B 175 -19.74 -2.48 15.23
C LEU B 175 -19.70 -3.14 13.86
N LEU B 176 -18.98 -4.26 13.73
CA LEU B 176 -19.00 -4.98 12.43
C LEU B 176 -20.43 -5.47 12.08
N ARG B 177 -21.10 -6.08 13.07
CA ARG B 177 -22.42 -6.62 12.79
C ARG B 177 -23.36 -5.51 12.45
N GLU B 178 -23.23 -4.37 13.12
CA GLU B 178 -24.06 -3.19 12.76
C GLU B 178 -23.90 -2.72 11.31
N TYR B 179 -22.66 -2.69 10.85
CA TYR B 179 -22.36 -2.20 9.52
C TYR B 179 -23.02 -3.16 8.55
N ASN B 180 -22.86 -4.44 8.87
CA ASN B 180 -23.37 -5.48 7.99
C ASN B 180 -24.93 -5.34 7.88
N ALA B 181 -25.61 -5.15 9.01
CA ALA B 181 -27.08 -5.08 9.07
C ALA B 181 -27.63 -3.90 8.28
N CYS B 182 -26.84 -2.87 8.16
CA CYS B 182 -27.31 -1.77 7.38
C CYS B 182 -26.53 -1.92 6.04
ZN ZN C . 5.47 -3.52 -3.04
O5' GNG D . 10.52 -2.08 1.48
C5' GNG D . 10.85 -2.44 0.05
C4' GNG D . 10.76 -3.96 -0.17
O4' GNG D . 9.90 -4.50 -1.25
C1' GNG D . 10.60 -4.61 -2.52
N9 GNG D . 10.19 -3.36 -3.24
C8 GNG D . 10.37 -2.10 -2.75
N7 GNG D . 9.86 -1.14 -3.51
C5 GNG D . 9.26 -1.78 -4.54
C4 GNG D . 9.46 -3.26 -4.37
N3 GNG D . 8.96 -4.09 -5.32
C2 GNG D . 8.29 -3.57 -6.42
N1 GNG D . 8.02 -2.22 -6.65
C6 GNG D . 8.46 -1.27 -5.73
O6 GNG D . 8.31 -0.03 -5.87
N2 GNG D . 7.78 -4.38 -7.34
C2' GNG D . 12.05 -4.77 -2.10
C3' GNG D . 12.18 -4.20 -0.66
O3' GNG D . 12.95 -4.96 0.29
C1 EDO E . 12.12 0.81 0.37
O1 EDO E . 11.55 0.70 -0.95
C2 EDO E . 13.40 1.68 0.46
O2 EDO E . 13.41 2.73 -0.53
ZN ZN F . -5.96 -4.12 4.40
C1 EDO G . -13.19 11.58 0.88
O1 EDO G . -14.47 11.10 1.31
C2 EDO G . -12.25 10.39 0.74
O2 EDO G . -11.78 10.00 2.05
C1 EDO H . -9.68 -6.33 7.52
O1 EDO H . -8.83 -5.51 8.36
C2 EDO H . -10.37 -5.46 6.47
O2 EDO H . -9.47 -5.08 5.41
#